data_6UNN
#
_entry.id   6UNN
#
_cell.length_a   41.100
_cell.length_b   51.310
_cell.length_c   79.560
_cell.angle_alpha   90.000
_cell.angle_beta   91.970
_cell.angle_gamma   90.000
#
_symmetry.space_group_name_H-M   'P 1 21 1'
#
loop_
_entity.id
_entity.type
_entity.pdbx_description
1 polymer CYP199A4
2 non-polymer 'PROTOPORPHYRIN IX CONTAINING FE'
3 non-polymer '(E)-3-(4-methoxyphenyl)acrylic acid'
4 non-polymer 'CHLORIDE ION'
5 water water
#
_entity_poly.entity_id   1
_entity_poly.type   'polypeptide(L)'
_entity_poly.pdbx_seq_one_letter_code
;MISNSSAESISAPPNDSTIPHLAIDPFSLDFFDDPYPDQQTLRDAGPVVYLDKWNVYGVARYAEVHAVLNDPTTFCSSRG
VGLSDFKKEKPWRPPSLILEADPPAHTRPRAVLSKVLSPATMKTIRDGFAAAADAKVDELLQRGCIDAIADLAEAYPLSV
FPDAMGLKQEGREHLLPYAGLVFNAFGPPNELRQTAIERSAPHQAYVNEQCQRPNLAPGGFGACIHAFTDTGEITPDEAP
LLVRSLLSAGLDTTVNGIGAAVYCLARFPGELQRLRSDPTLARNAFEEAVRFESPVQTFFRTTTREVELGGAVIGEGEKV
LMFLGSANRDPRRWSDPDLYDITRKTSGHVGFGSGVHMCVGQLVARLEGEVMLSALARKVAAIDIDGPVKRRFNNTLRGL
ESLPVKLTPA
;
_entity_poly.pdbx_strand_id   A
#
# COMPACT_ATOMS: atom_id res chain seq x y z
N THR A 18 -3.60 32.02 9.79
CA THR A 18 -4.93 31.62 9.34
C THR A 18 -5.05 30.11 9.25
N ILE A 19 -4.00 29.41 9.62
CA ILE A 19 -3.93 27.95 9.53
C ILE A 19 -4.14 27.36 10.92
N PRO A 20 -5.11 26.47 11.09
CA PRO A 20 -5.31 25.86 12.41
C PRO A 20 -4.15 24.96 12.78
N HIS A 21 -3.69 25.08 14.03
CA HIS A 21 -2.68 24.20 14.59
C HIS A 21 -3.38 23.14 15.41
N LEU A 22 -2.99 21.88 15.19
CA LEU A 22 -3.56 20.77 15.92
C LEU A 22 -2.45 19.95 16.57
N ALA A 23 -2.77 19.36 17.72
CA ALA A 23 -1.85 18.53 18.48
C ALA A 23 -2.02 17.05 18.20
N ILE A 24 -2.97 16.68 17.32
CA ILE A 24 -3.17 15.30 16.94
C ILE A 24 -1.87 14.70 16.42
N ASP A 25 -1.51 13.53 16.96
CA ASP A 25 -0.36 12.78 16.46
C ASP A 25 -0.88 11.67 15.55
N PRO A 26 -0.78 11.82 14.22
CA PRO A 26 -1.32 10.80 13.32
C PRO A 26 -0.49 9.52 13.27
N PHE A 27 0.63 9.48 14.01
CA PHE A 27 1.47 8.29 14.09
C PHE A 27 1.49 7.70 15.49
N SER A 28 0.49 8.05 16.31
CA SER A 28 0.38 7.52 17.67
C SER A 28 -0.49 6.27 17.66
N LEU A 29 -0.23 5.37 18.61
CA LEU A 29 -1.02 4.15 18.69
C LEU A 29 -2.50 4.46 18.93
N ASP A 30 -2.79 5.50 19.72
CA ASP A 30 -4.18 5.89 19.94
C ASP A 30 -4.87 6.27 18.62
N PHE A 31 -4.15 6.96 17.74
CA PHE A 31 -4.70 7.32 16.44
C PHE A 31 -4.87 6.08 15.56
N PHE A 32 -3.84 5.24 15.46
CA PHE A 32 -3.95 4.00 14.68
C PHE A 32 -5.12 3.14 15.13
N ASP A 33 -5.39 3.13 16.44
CA ASP A 33 -6.41 2.23 16.98
C ASP A 33 -7.80 2.60 16.51
N ASP A 34 -8.04 3.89 16.25
CA ASP A 34 -9.31 4.37 15.73
C ASP A 34 -9.11 5.74 15.12
N PRO A 35 -8.73 5.82 13.84
CA PRO A 35 -8.33 7.11 13.25
C PRO A 35 -9.49 7.97 12.76
N TYR A 36 -10.70 7.44 12.70
CA TYR A 36 -11.75 8.14 11.98
C TYR A 36 -12.23 9.42 12.67
N PRO A 37 -12.44 9.44 13.99
CA PRO A 37 -12.82 10.73 14.60
C PRO A 37 -11.75 11.79 14.40
N ASP A 38 -10.48 11.43 14.53
CA ASP A 38 -9.41 12.40 14.34
C ASP A 38 -9.29 12.84 12.88
N GLN A 39 -9.57 11.94 11.93
CA GLN A 39 -9.52 12.32 10.52
C GLN A 39 -10.62 13.33 10.19
N GLN A 40 -11.81 13.19 10.80
CA GLN A 40 -12.84 14.20 10.59
C GLN A 40 -12.41 15.54 11.17
N THR A 41 -11.84 15.53 12.38
CA THR A 41 -11.33 16.77 12.95
C THR A 41 -10.28 17.39 12.04
N LEU A 42 -9.43 16.56 11.43
CA LEU A 42 -8.42 17.06 10.50
C LEU A 42 -9.07 17.66 9.26
N ARG A 43 -10.10 16.99 8.72
CA ARG A 43 -10.80 17.55 7.57
C ARG A 43 -11.55 18.81 7.93
N ASP A 44 -12.24 18.81 9.06
CA ASP A 44 -13.14 19.90 9.38
C ASP A 44 -12.43 21.12 9.92
N ALA A 45 -11.18 20.97 10.37
CA ALA A 45 -10.44 22.12 10.88
C ALA A 45 -10.11 23.10 9.75
N GLY A 46 -9.97 22.61 8.52
CA GLY A 46 -9.64 23.45 7.41
C GLY A 46 -9.06 22.64 6.26
N PRO A 47 -8.96 23.26 5.09
CA PRO A 47 -8.32 22.56 3.96
C PRO A 47 -6.85 22.27 4.19
N VAL A 48 -6.17 23.08 4.99
CA VAL A 48 -4.78 22.82 5.38
C VAL A 48 -4.66 23.04 6.87
N VAL A 49 -3.96 22.15 7.55
CA VAL A 49 -3.73 22.22 8.98
C VAL A 49 -2.22 22.17 9.21
N TYR A 50 -1.81 22.60 10.41
CA TYR A 50 -0.43 22.44 10.85
C TYR A 50 -0.42 21.50 12.04
N LEU A 51 0.36 20.43 11.93
CA LEU A 51 0.49 19.45 13.02
C LEU A 51 1.71 19.81 13.86
N ASP A 52 1.46 20.43 15.02
CA ASP A 52 2.54 20.89 15.89
C ASP A 52 3.42 19.75 16.38
N LYS A 53 2.87 18.54 16.47
CA LYS A 53 3.61 17.42 17.06
C LYS A 53 4.87 17.12 16.26
N TRP A 54 4.80 17.28 14.94
CA TRP A 54 5.93 16.94 14.08
C TRP A 54 6.39 18.08 13.18
N ASN A 55 5.79 19.28 13.30
CA ASN A 55 6.12 20.44 12.49
C ASN A 55 5.97 20.14 10.99
N VAL A 56 4.79 19.66 10.61
CA VAL A 56 4.45 19.44 9.21
C VAL A 56 3.06 20.01 8.94
N TYR A 57 2.83 20.33 7.67
CA TYR A 57 1.48 20.63 7.20
C TYR A 57 0.75 19.35 6.89
N GLY A 58 -0.58 19.42 6.99
CA GLY A 58 -1.42 18.27 6.65
C GLY A 58 -2.60 18.70 5.79
N VAL A 59 -2.94 17.82 4.84
CA VAL A 59 -4.18 17.95 4.06
C VAL A 59 -4.94 16.63 4.21
N ALA A 60 -6.21 16.72 4.62
CA ALA A 60 -6.99 15.53 4.86
C ALA A 60 -8.26 15.43 4.01
N ARG A 61 -8.63 16.48 3.30
CA ARG A 61 -9.79 16.44 2.42
C ARG A 61 -9.41 15.90 1.05
N TYR A 62 -10.39 15.32 0.36
CA TYR A 62 -10.13 14.75 -0.95
C TYR A 62 -9.54 15.79 -1.90
N ALA A 63 -10.16 16.97 -1.99
CA ALA A 63 -9.76 17.94 -3.01
C ALA A 63 -8.30 18.33 -2.87
N GLU A 64 -7.84 18.62 -1.65
CA GLU A 64 -6.45 19.06 -1.51
C GLU A 64 -5.47 17.90 -1.63
N VAL A 65 -5.81 16.72 -1.11
CA VAL A 65 -4.95 15.56 -1.29
C VAL A 65 -4.78 15.26 -2.77
N HIS A 66 -5.88 15.28 -3.52
CA HIS A 66 -5.79 15.07 -4.96
C HIS A 66 -4.97 16.17 -5.62
N ALA A 67 -5.13 17.43 -5.19
CA ALA A 67 -4.39 18.52 -5.79
C ALA A 67 -2.89 18.36 -5.53
N VAL A 68 -2.50 18.04 -4.30
CA VAL A 68 -1.09 17.90 -3.97
C VAL A 68 -0.47 16.77 -4.77
N LEU A 69 -1.16 15.63 -4.85
CA LEU A 69 -0.63 14.48 -5.60
C LEU A 69 -0.37 14.83 -7.05
N ASN A 70 -1.19 15.73 -7.62
CA ASN A 70 -1.11 16.03 -9.04
C ASN A 70 -0.33 17.30 -9.34
N ASP A 71 0.43 17.80 -8.37
CA ASP A 71 1.25 18.99 -8.52
C ASP A 71 2.69 18.62 -8.16
N PRO A 72 3.34 17.77 -8.97
CA PRO A 72 4.65 17.24 -8.56
C PRO A 72 5.79 18.25 -8.63
N THR A 73 5.67 19.31 -9.44
CA THR A 73 6.75 20.30 -9.48
C THR A 73 6.79 21.18 -8.25
N THR A 74 5.66 21.32 -7.55
CA THR A 74 5.63 22.07 -6.31
C THR A 74 5.76 21.16 -5.10
N PHE A 75 5.07 20.03 -5.11
CA PHE A 75 5.08 19.09 -3.99
C PHE A 75 5.89 17.87 -4.44
N CYS A 76 7.21 17.95 -4.23
CA CYS A 76 8.11 16.98 -4.82
C CYS A 76 8.25 15.74 -3.96
N SER A 77 8.79 14.68 -4.58
CA SER A 77 9.09 13.42 -3.93
C SER A 77 10.58 13.18 -3.72
N SER A 78 11.45 13.95 -4.38
CA SER A 78 12.87 13.66 -4.32
C SER A 78 13.52 14.06 -3.00
N ARG A 79 12.83 14.79 -2.13
CA ARG A 79 13.31 15.01 -0.79
C ARG A 79 12.71 14.03 0.20
N GLY A 80 12.19 12.92 -0.29
CA GLY A 80 11.61 11.86 0.51
C GLY A 80 10.11 12.00 0.63
N VAL A 81 9.42 10.86 0.71
CA VAL A 81 7.98 10.83 0.92
C VAL A 81 7.63 10.39 2.34
N GLY A 82 8.62 10.31 3.22
CA GLY A 82 8.38 10.21 4.64
C GLY A 82 8.59 11.55 5.32
N LEU A 83 8.60 11.51 6.66
CA LEU A 83 8.81 12.75 7.42
C LEU A 83 10.19 13.33 7.17
N SER A 84 11.20 12.46 7.07
CA SER A 84 12.57 12.93 6.94
C SER A 84 12.77 13.65 5.62
N ASP A 85 13.52 14.76 5.67
CA ASP A 85 13.84 15.58 4.51
C ASP A 85 15.24 15.20 4.05
N PHE A 86 15.34 14.57 2.87
CA PHE A 86 16.63 14.08 2.40
C PHE A 86 17.64 15.21 2.17
N LYS A 87 17.17 16.45 2.05
CA LYS A 87 18.08 17.59 1.96
C LYS A 87 18.70 17.91 3.31
N LYS A 88 18.11 17.43 4.39
CA LYS A 88 18.55 17.73 5.75
C LYS A 88 19.17 16.54 6.46
N GLU A 89 18.65 15.34 6.22
CA GLU A 89 19.08 14.13 6.92
C GLU A 89 19.43 13.06 5.90
N LYS A 90 20.32 12.17 6.31
CA LYS A 90 20.72 11.06 5.44
C LYS A 90 19.58 10.06 5.35
N PRO A 91 19.23 9.59 4.15
CA PRO A 91 18.23 8.51 4.06
C PRO A 91 18.77 7.25 4.68
N TRP A 92 17.87 6.44 5.23
CA TRP A 92 18.31 5.23 5.93
C TRP A 92 18.87 4.19 4.98
N ARG A 93 18.60 4.31 3.69
CA ARG A 93 19.15 3.47 2.64
C ARG A 93 19.18 4.31 1.37
N PRO A 94 19.95 3.90 0.35
CA PRO A 94 20.06 4.75 -0.86
C PRO A 94 18.69 5.08 -1.42
N PRO A 95 18.48 6.33 -1.86
CA PRO A 95 17.14 6.77 -2.25
C PRO A 95 16.53 5.91 -3.35
N SER A 96 15.22 5.71 -3.26
CA SER A 96 14.49 4.97 -4.27
C SER A 96 14.58 5.68 -5.62
N LEU A 97 14.91 4.92 -6.66
CA LEU A 97 14.96 5.49 -8.00
C LEU A 97 13.58 5.77 -8.58
N ILE A 98 12.51 5.30 -7.94
CA ILE A 98 11.17 5.48 -8.47
C ILE A 98 10.34 6.31 -7.49
N LEU A 99 10.19 5.82 -6.26
CA LEU A 99 9.32 6.49 -5.29
C LEU A 99 9.85 7.85 -4.86
N GLU A 100 11.17 7.99 -4.75
CA GLU A 100 11.79 9.20 -4.24
C GLU A 100 12.53 9.96 -5.34
N ALA A 101 12.00 9.89 -6.56
CA ALA A 101 12.51 10.63 -7.70
C ALA A 101 11.40 11.48 -8.32
N ASP A 102 11.78 12.63 -8.82
CA ASP A 102 10.88 13.49 -9.57
C ASP A 102 11.14 13.33 -11.05
N PRO A 103 10.17 13.65 -11.91
CA PRO A 103 10.48 13.79 -13.34
C PRO A 103 11.53 14.86 -13.52
N PRO A 104 12.48 14.69 -14.46
CA PRO A 104 12.54 13.59 -15.43
C PRO A 104 13.27 12.32 -14.95
N ALA A 105 14.01 12.38 -13.83
CA ALA A 105 14.74 11.20 -13.36
C ALA A 105 13.80 10.03 -13.12
N HIS A 106 12.55 10.32 -12.74
CA HIS A 106 11.57 9.29 -12.45
C HIS A 106 11.11 8.54 -13.70
N THR A 107 11.16 9.18 -14.87
CA THR A 107 10.37 8.73 -16.02
C THR A 107 10.83 7.37 -16.56
N ARG A 108 12.12 7.20 -16.82
CA ARG A 108 12.52 5.94 -17.46
C ARG A 108 12.41 4.76 -16.50
N PRO A 109 12.83 4.87 -15.24
CA PRO A 109 12.56 3.77 -14.30
C PRO A 109 11.08 3.45 -14.16
N ARG A 110 10.23 4.48 -14.21
CA ARG A 110 8.79 4.26 -14.17
C ARG A 110 8.32 3.49 -15.40
N ALA A 111 8.88 3.81 -16.57
CA ALA A 111 8.51 3.11 -17.79
C ALA A 111 8.89 1.64 -17.74
N VAL A 112 10.06 1.33 -17.20
CA VAL A 112 10.48 -0.06 -17.08
C VAL A 112 9.52 -0.83 -16.18
N LEU A 113 9.25 -0.29 -14.99
CA LEU A 113 8.34 -0.98 -14.08
C LEU A 113 6.94 -1.12 -14.69
N SER A 114 6.50 -0.11 -15.43
CA SER A 114 5.19 -0.18 -16.09
C SER A 114 5.17 -1.32 -17.11
N LYS A 115 6.28 -1.54 -17.80
CA LYS A 115 6.34 -2.61 -18.77
C LYS A 115 6.49 -3.97 -18.08
N VAL A 116 7.24 -4.03 -16.99
CA VAL A 116 7.43 -5.30 -16.29
C VAL A 116 6.12 -5.74 -15.66
N LEU A 117 5.33 -4.80 -15.16
CA LEU A 117 4.08 -5.09 -14.49
C LEU A 117 2.89 -4.71 -15.36
N SER A 118 3.00 -4.99 -16.65
CA SER A 118 2.09 -4.49 -17.68
C SER A 118 0.87 -5.38 -17.82
N PRO A 119 -0.16 -4.89 -18.51
CA PRO A 119 -1.27 -5.77 -18.88
C PRO A 119 -0.83 -7.08 -19.52
N ALA A 120 0.11 -7.01 -20.47
CA ALA A 120 0.62 -8.22 -21.10
C ALA A 120 1.23 -9.18 -20.08
N THR A 121 1.91 -8.63 -19.07
CA THR A 121 2.51 -9.49 -18.07
C THR A 121 1.47 -10.20 -17.22
N MET A 122 0.34 -9.53 -16.95
CA MET A 122 -0.69 -10.15 -16.14
C MET A 122 -1.23 -11.42 -16.78
N LYS A 123 -1.25 -11.47 -18.12
CA LYS A 123 -1.71 -12.68 -18.80
C LYS A 123 -0.82 -13.87 -18.47
N THR A 124 0.48 -13.65 -18.22
CA THR A 124 1.37 -14.76 -17.96
C THR A 124 1.24 -15.32 -16.56
N ILE A 125 0.75 -14.55 -15.60
CA ILE A 125 0.69 -14.99 -14.21
C ILE A 125 -0.72 -15.26 -13.72
N ARG A 126 -1.75 -14.87 -14.49
CA ARG A 126 -3.11 -14.93 -13.96
C ARG A 126 -3.54 -16.35 -13.60
N ASP A 127 -3.25 -17.32 -14.46
CA ASP A 127 -3.71 -18.69 -14.19
C ASP A 127 -3.11 -19.22 -12.89
N GLY A 128 -1.81 -18.99 -12.68
CA GLY A 128 -1.17 -19.42 -11.45
C GLY A 128 -1.68 -18.69 -10.22
N PHE A 129 -1.91 -17.38 -10.34
CA PHE A 129 -2.41 -16.61 -9.20
C PHE A 129 -3.81 -17.04 -8.82
N ALA A 130 -4.67 -17.27 -9.82
CA ALA A 130 -6.03 -17.70 -9.54
C ALA A 130 -6.04 -19.11 -8.96
N ALA A 131 -5.23 -20.01 -9.52
CA ALA A 131 -5.16 -21.37 -9.01
C ALA A 131 -4.75 -21.40 -7.55
N ALA A 132 -3.74 -20.60 -7.19
CA ALA A 132 -3.28 -20.56 -5.80
C ALA A 132 -4.36 -20.01 -4.87
N ALA A 133 -5.11 -19.00 -5.33
CA ALA A 133 -6.19 -18.46 -4.50
C ALA A 133 -7.30 -19.48 -4.29
N ASP A 134 -7.72 -20.15 -5.37
CA ASP A 134 -8.76 -21.18 -5.25
C ASP A 134 -8.31 -22.28 -4.30
N ALA A 135 -7.05 -22.72 -4.44
CA ALA A 135 -6.55 -23.80 -3.60
C ALA A 135 -6.49 -23.37 -2.14
N LYS A 136 -6.08 -22.13 -1.89
CA LYS A 136 -5.97 -21.66 -0.51
C LYS A 136 -7.33 -21.63 0.16
N VAL A 137 -8.36 -21.13 -0.53
CA VAL A 137 -9.68 -21.07 0.07
C VAL A 137 -10.22 -22.47 0.34
N ASP A 138 -10.03 -23.39 -0.59
CA ASP A 138 -10.45 -24.77 -0.36
C ASP A 138 -9.71 -25.38 0.82
N GLU A 139 -8.40 -25.10 0.93
CA GLU A 139 -7.64 -25.58 2.07
C GLU A 139 -8.17 -24.99 3.37
N LEU A 140 -8.46 -23.70 3.39
CA LEU A 140 -8.97 -23.09 4.61
C LEU A 140 -10.36 -23.62 4.97
N LEU A 141 -11.19 -23.94 3.96
CA LEU A 141 -12.51 -24.49 4.25
C LEU A 141 -12.43 -25.87 4.88
N GLN A 142 -11.31 -26.59 4.69
CA GLN A 142 -11.12 -27.86 5.38
C GLN A 142 -10.79 -27.67 6.85
N ARG A 143 -10.28 -26.50 7.23
CA ARG A 143 -9.92 -26.23 8.62
C ARG A 143 -11.05 -25.57 9.40
N GLY A 144 -11.94 -24.87 8.72
CA GLY A 144 -13.06 -24.21 9.38
C GLY A 144 -12.67 -22.90 10.03
N CYS A 145 -11.91 -22.98 11.12
CA CYS A 145 -11.56 -21.81 11.92
C CYS A 145 -10.09 -21.48 11.70
N ILE A 146 -9.83 -20.29 11.14
CA ILE A 146 -8.51 -19.89 10.69
C ILE A 146 -8.27 -18.44 11.11
N ASP A 147 -7.02 -18.00 10.99
CA ASP A 147 -6.66 -16.60 11.16
C ASP A 147 -6.55 -15.99 9.77
N ALA A 148 -7.47 -15.08 9.44
CA ALA A 148 -7.50 -14.53 8.09
C ALA A 148 -6.30 -13.67 7.76
N ILE A 149 -5.43 -13.36 8.72
CA ILE A 149 -4.19 -12.66 8.42
C ILE A 149 -3.12 -13.69 8.12
N ALA A 150 -2.59 -14.36 9.14
CA ALA A 150 -1.52 -15.33 8.96
C ALA A 150 -1.86 -16.37 7.89
N ASP A 151 -3.07 -16.93 7.94
CA ASP A 151 -3.42 -18.05 7.08
C ASP A 151 -3.98 -17.64 5.73
N LEU A 152 -4.23 -16.35 5.49
CA LEU A 152 -4.85 -15.97 4.22
C LEU A 152 -4.23 -14.71 3.66
N ALA A 153 -4.38 -13.60 4.37
CA ALA A 153 -3.86 -12.32 3.90
C ALA A 153 -2.34 -12.36 3.72
N GLU A 154 -1.64 -13.10 4.57
CA GLU A 154 -0.21 -13.26 4.41
C GLU A 154 0.14 -14.51 3.60
N ALA A 155 -0.55 -15.61 3.89
CA ALA A 155 -0.19 -16.88 3.26
C ALA A 155 -0.34 -16.81 1.74
N TYR A 156 -1.44 -16.21 1.25
CA TYR A 156 -1.66 -16.22 -0.19
C TYR A 156 -0.63 -15.36 -0.93
N PRO A 157 -0.42 -14.07 -0.60
CA PRO A 157 0.65 -13.34 -1.29
C PRO A 157 2.01 -14.00 -1.15
N LEU A 158 2.30 -14.59 0.01
CA LEU A 158 3.56 -15.31 0.16
C LEU A 158 3.65 -16.49 -0.81
N SER A 159 2.51 -17.04 -1.22
CA SER A 159 2.55 -18.20 -2.10
C SER A 159 2.67 -17.85 -3.58
N VAL A 160 2.46 -16.59 -3.97
CA VAL A 160 2.48 -16.21 -5.37
C VAL A 160 3.52 -15.12 -5.67
N PHE A 161 3.67 -14.13 -4.79
CA PHE A 161 4.45 -12.95 -5.18
C PHE A 161 5.96 -13.20 -5.18
N PRO A 162 6.53 -13.83 -4.14
CA PRO A 162 7.98 -14.15 -4.22
C PRO A 162 8.31 -14.98 -5.45
N ASP A 163 7.45 -15.94 -5.80
CA ASP A 163 7.70 -16.73 -6.98
C ASP A 163 7.60 -15.88 -8.24
N ALA A 164 6.59 -15.01 -8.33
CA ALA A 164 6.47 -14.14 -9.50
C ALA A 164 7.67 -13.22 -9.63
N MET A 165 8.23 -12.77 -8.50
CA MET A 165 9.49 -12.02 -8.52
C MET A 165 10.64 -12.87 -9.04
N GLY A 166 10.54 -14.19 -8.92
CA GLY A 166 11.66 -15.07 -9.22
C GLY A 166 12.67 -15.20 -8.11
N LEU A 167 12.25 -15.04 -6.86
CA LEU A 167 13.17 -15.14 -5.73
C LEU A 167 13.50 -16.59 -5.42
N LYS A 168 14.70 -16.82 -4.92
CA LYS A 168 15.03 -18.11 -4.34
C LYS A 168 14.17 -18.39 -3.10
N GLN A 169 14.18 -19.64 -2.66
CA GLN A 169 13.44 -20.00 -1.45
C GLN A 169 14.15 -19.49 -0.20
N GLU A 170 15.47 -19.61 -0.16
CA GLU A 170 16.22 -19.25 1.04
C GLU A 170 16.11 -17.76 1.30
N GLY A 171 15.77 -17.42 2.55
CA GLY A 171 15.76 -16.04 3.00
C GLY A 171 14.42 -15.35 2.97
N ARG A 172 13.39 -15.98 2.42
CA ARG A 172 12.09 -15.31 2.27
C ARG A 172 11.50 -14.91 3.62
N GLU A 173 11.97 -15.50 4.71
CA GLU A 173 11.53 -15.10 6.04
C GLU A 173 11.87 -13.65 6.35
N HIS A 174 12.77 -13.03 5.58
CA HIS A 174 13.10 -11.61 5.75
C HIS A 174 12.15 -10.66 5.02
N LEU A 175 11.23 -11.16 4.19
CA LEU A 175 10.46 -10.28 3.32
C LEU A 175 9.49 -9.41 4.12
N LEU A 176 8.68 -10.02 4.97
CA LEU A 176 7.71 -9.25 5.74
C LEU A 176 8.40 -8.38 6.79
N PRO A 177 9.46 -8.85 7.48
CA PRO A 177 10.19 -7.91 8.35
C PRO A 177 10.76 -6.72 7.60
N TYR A 178 11.32 -6.94 6.41
CA TYR A 178 11.85 -5.81 5.64
C TYR A 178 10.75 -4.83 5.28
N ALA A 179 9.58 -5.33 4.88
CA ALA A 179 8.49 -4.44 4.51
C ALA A 179 7.97 -3.66 5.72
N GLY A 180 7.90 -4.31 6.88
CA GLY A 180 7.53 -3.57 8.08
C GLY A 180 8.48 -2.43 8.35
N LEU A 181 9.77 -2.66 8.14
CA LEU A 181 10.78 -1.62 8.29
C LEU A 181 10.58 -0.51 7.27
N VAL A 182 10.35 -0.89 6.01
CA VAL A 182 10.15 0.09 4.94
C VAL A 182 9.03 1.06 5.30
N PHE A 183 7.88 0.52 5.72
CA PHE A 183 6.73 1.37 5.91
C PHE A 183 6.74 2.08 7.26
N ASN A 184 7.42 1.52 8.26
CA ASN A 184 7.64 2.28 9.49
C ASN A 184 8.64 3.41 9.27
N ALA A 185 9.59 3.24 8.36
CA ALA A 185 10.65 4.23 8.17
C ALA A 185 10.14 5.51 7.53
N PHE A 186 9.04 5.48 6.78
CA PHE A 186 8.44 6.72 6.31
C PHE A 186 7.89 7.56 7.45
N GLY A 187 7.75 7.00 8.64
CA GLY A 187 7.14 7.72 9.73
C GLY A 187 8.09 8.67 10.42
N PRO A 188 7.59 9.30 11.47
CA PRO A 188 8.43 10.16 12.30
C PRO A 188 9.35 9.33 13.16
N PRO A 189 10.34 9.93 13.80
CA PRO A 189 11.23 9.13 14.66
C PRO A 189 10.57 8.75 16.00
N ASN A 190 9.46 8.00 15.91
CA ASN A 190 8.82 7.47 17.10
C ASN A 190 9.38 6.08 17.38
N GLU A 191 8.83 5.41 18.41
CA GLU A 191 9.37 4.11 18.78
C GLU A 191 9.25 3.10 17.64
N LEU A 192 8.12 3.13 16.92
CA LEU A 192 7.93 2.19 15.80
C LEU A 192 9.05 2.30 14.78
N ARG A 193 9.48 3.52 14.46
CA ARG A 193 10.54 3.67 13.47
C ARG A 193 11.89 3.28 14.06
N GLN A 194 12.20 3.74 15.27
CA GLN A 194 13.49 3.43 15.89
C GLN A 194 13.71 1.93 15.97
N THR A 195 12.71 1.22 16.47
CA THR A 195 12.80 -0.23 16.63
C THR A 195 12.99 -0.91 15.28
N ALA A 196 12.32 -0.40 14.24
CA ALA A 196 12.42 -1.02 12.92
C ALA A 196 13.83 -0.86 12.34
N ILE A 197 14.35 0.37 12.35
CA ILE A 197 15.64 0.63 11.70
C ILE A 197 16.78 0.02 12.50
N GLU A 198 16.66 0.01 13.83
CA GLU A 198 17.69 -0.60 14.67
C GLU A 198 17.83 -2.09 14.33
N ARG A 199 19.07 -2.50 14.08
CA ARG A 199 19.39 -3.90 13.78
C ARG A 199 18.63 -4.42 12.55
N SER A 200 18.36 -3.54 11.59
CA SER A 200 17.72 -3.93 10.34
C SER A 200 18.71 -4.44 9.30
N ALA A 201 20.01 -4.38 9.59
CA ALA A 201 21.02 -4.80 8.62
C ALA A 201 20.77 -6.18 8.02
N PRO A 202 20.40 -7.21 8.79
CA PRO A 202 20.19 -8.53 8.15
C PRO A 202 19.04 -8.53 7.15
N HIS A 203 17.98 -7.77 7.41
CA HIS A 203 16.90 -7.67 6.43
C HIS A 203 17.35 -6.94 5.18
N GLN A 204 18.06 -5.82 5.35
CA GLN A 204 18.59 -5.08 4.21
C GLN A 204 19.55 -5.93 3.39
N ALA A 205 20.45 -6.66 4.07
CA ALA A 205 21.43 -7.46 3.36
C ALA A 205 20.76 -8.54 2.53
N TYR A 206 19.73 -9.19 3.08
CA TYR A 206 19.03 -10.22 2.31
C TYR A 206 18.41 -9.62 1.05
N VAL A 207 17.67 -8.53 1.20
CA VAL A 207 16.95 -7.95 0.06
C VAL A 207 17.94 -7.46 -0.99
N ASN A 208 18.98 -6.73 -0.56
CA ASN A 208 19.95 -6.21 -1.52
C ASN A 208 20.65 -7.33 -2.28
N GLU A 209 20.89 -8.48 -1.63
CA GLU A 209 21.49 -9.60 -2.33
C GLU A 209 20.57 -10.15 -3.41
N GLN A 210 19.28 -10.31 -3.08
CA GLN A 210 18.36 -10.87 -4.07
C GLN A 210 18.12 -9.93 -5.24
N CYS A 211 18.47 -8.65 -5.11
CA CYS A 211 18.30 -7.73 -6.23
C CYS A 211 19.35 -7.91 -7.30
N GLN A 212 20.38 -8.71 -7.05
CA GLN A 212 21.42 -8.89 -8.06
C GLN A 212 20.95 -9.90 -9.09
N ARG A 213 21.31 -9.65 -10.35
CA ARG A 213 20.79 -10.45 -11.46
C ARG A 213 20.95 -11.96 -11.31
N PRO A 214 22.09 -12.51 -10.83
CA PRO A 214 22.20 -13.98 -10.77
C PRO A 214 21.20 -14.63 -9.84
N ASN A 215 20.65 -13.89 -8.88
CA ASN A 215 19.76 -14.47 -7.87
C ASN A 215 18.28 -14.43 -8.26
N LEU A 216 17.96 -13.94 -9.45
CA LEU A 216 16.56 -13.77 -9.87
C LEU A 216 16.25 -14.73 -11.01
N ALA A 217 15.18 -15.51 -10.84
CA ALA A 217 14.86 -16.56 -11.81
C ALA A 217 14.48 -15.96 -13.16
N PRO A 218 15.05 -16.45 -14.26
CA PRO A 218 14.64 -15.95 -15.58
C PRO A 218 13.14 -16.05 -15.76
N GLY A 219 12.56 -15.00 -16.36
CA GLY A 219 11.15 -14.90 -16.55
C GLY A 219 10.39 -14.19 -15.45
N GLY A 220 10.97 -14.10 -14.25
CA GLY A 220 10.33 -13.40 -13.15
C GLY A 220 10.43 -11.90 -13.30
N PHE A 221 9.74 -11.19 -12.39
CA PHE A 221 9.72 -9.73 -12.44
C PHE A 221 11.12 -9.17 -12.32
N GLY A 222 11.93 -9.75 -11.42
CA GLY A 222 13.26 -9.21 -11.19
C GLY A 222 14.17 -9.38 -12.38
N ALA A 223 14.16 -10.57 -12.99
CA ALA A 223 14.95 -10.80 -14.19
C ALA A 223 14.48 -9.93 -15.35
N CYS A 224 13.18 -9.68 -15.44
CA CYS A 224 12.65 -8.81 -16.48
CA CYS A 224 12.68 -8.82 -16.50
C CYS A 224 13.15 -7.38 -16.32
N ILE A 225 13.23 -6.91 -15.07
CA ILE A 225 13.82 -5.60 -14.82
C ILE A 225 15.24 -5.56 -15.36
N HIS A 226 16.05 -6.57 -15.02
CA HIS A 226 17.43 -6.59 -15.51
C HIS A 226 17.48 -6.68 -17.03
N ALA A 227 16.53 -7.41 -17.65
CA ALA A 227 16.50 -7.52 -19.10
C ALA A 227 16.33 -6.16 -19.77
N PHE A 228 15.68 -5.22 -19.10
CA PHE A 228 15.50 -3.89 -19.68
C PHE A 228 16.76 -3.03 -19.66
N THR A 229 17.82 -3.47 -18.99
CA THR A 229 19.07 -2.72 -19.07
C THR A 229 19.62 -2.73 -20.49
N ASP A 230 19.23 -3.72 -21.31
CA ASP A 230 19.65 -3.79 -22.71
C ASP A 230 19.11 -2.63 -23.53
N THR A 231 17.96 -2.08 -23.14
CA THR A 231 17.23 -1.15 -24.00
C THR A 231 17.71 0.29 -23.90
N GLY A 232 18.52 0.62 -22.90
CA GLY A 232 18.85 2.00 -22.64
C GLY A 232 17.88 2.72 -21.73
N GLU A 233 16.83 2.03 -21.25
CA GLU A 233 15.92 2.73 -20.36
C GLU A 233 16.50 2.83 -18.95
N ILE A 234 17.22 1.80 -18.50
CA ILE A 234 17.93 1.84 -17.23
C ILE A 234 19.32 1.24 -17.45
N THR A 235 20.28 1.67 -16.63
CA THR A 235 21.60 1.08 -16.68
C THR A 235 21.63 -0.18 -15.82
N PRO A 236 22.60 -1.06 -16.02
CA PRO A 236 22.72 -2.24 -15.13
C PRO A 236 22.77 -1.90 -13.66
N ASP A 237 23.45 -0.80 -13.29
CA ASP A 237 23.53 -0.42 -11.88
C ASP A 237 22.23 0.16 -11.35
N GLU A 238 21.27 0.52 -12.21
CA GLU A 238 19.97 0.93 -11.74
C GLU A 238 19.04 -0.25 -11.49
N ALA A 239 19.27 -1.38 -12.15
CA ALA A 239 18.33 -2.49 -12.07
C ALA A 239 18.15 -3.04 -10.66
N PRO A 240 19.21 -3.25 -9.86
CA PRO A 240 18.97 -3.79 -8.50
C PRO A 240 18.08 -2.91 -7.65
N LEU A 241 18.24 -1.57 -7.74
CA LEU A 241 17.37 -0.68 -6.96
C LEU A 241 15.93 -0.76 -7.43
N LEU A 242 15.70 -1.02 -8.72
CA LEU A 242 14.31 -1.15 -9.18
C LEU A 242 13.71 -2.47 -8.71
N VAL A 243 14.50 -3.55 -8.70
CA VAL A 243 14.05 -4.77 -8.04
C VAL A 243 13.72 -4.49 -6.58
N ARG A 244 14.58 -3.72 -5.91
CA ARG A 244 14.35 -3.40 -4.50
C ARG A 244 12.99 -2.72 -4.30
N SER A 245 12.60 -1.83 -5.21
CA SER A 245 11.32 -1.15 -5.06
C SER A 245 10.16 -2.14 -5.02
N LEU A 246 10.24 -3.22 -5.82
CA LEU A 246 9.18 -4.21 -5.83
C LEU A 246 9.21 -5.08 -4.57
N LEU A 247 10.41 -5.39 -4.06
CA LEU A 247 10.50 -6.15 -2.82
C LEU A 247 10.13 -5.30 -1.62
N SER A 248 10.16 -3.98 -1.76
CA SER A 248 9.74 -3.11 -0.66
C SER A 248 8.23 -2.95 -0.61
N ALA A 249 7.63 -2.70 -1.78
CA ALA A 249 6.23 -2.32 -1.85
C ALA A 249 5.30 -3.45 -2.23
N GLY A 250 5.81 -4.52 -2.83
CA GLY A 250 4.96 -5.46 -3.52
C GLY A 250 4.26 -6.51 -2.68
N LEU A 251 4.67 -6.71 -1.43
CA LEU A 251 4.14 -7.79 -0.61
C LEU A 251 3.23 -7.27 0.50
N ASP A 252 3.77 -6.47 1.42
CA ASP A 252 3.02 -6.04 2.60
C ASP A 252 1.77 -5.24 2.24
N THR A 253 1.84 -4.45 1.16
CA THR A 253 0.66 -3.72 0.69
C THR A 253 -0.49 -4.67 0.39
N THR A 254 -0.20 -5.73 -0.36
CA THR A 254 -1.25 -6.67 -0.74
C THR A 254 -1.72 -7.49 0.46
N VAL A 255 -0.82 -7.77 1.41
CA VAL A 255 -1.24 -8.40 2.66
C VAL A 255 -2.35 -7.58 3.31
N ASN A 256 -2.10 -6.29 3.48
CA ASN A 256 -3.10 -5.47 4.14
C ASN A 256 -4.28 -5.13 3.23
N GLY A 257 -4.10 -5.17 1.92
CA GLY A 257 -5.24 -4.99 1.03
C GLY A 257 -6.20 -6.16 1.10
N ILE A 258 -5.66 -7.38 1.02
CA ILE A 258 -6.50 -8.58 1.09
C ILE A 258 -7.10 -8.74 2.47
N GLY A 259 -6.31 -8.48 3.51
CA GLY A 259 -6.85 -8.51 4.86
C GLY A 259 -7.96 -7.50 5.05
N ALA A 260 -7.83 -6.32 4.44
CA ALA A 260 -8.88 -5.32 4.50
C ALA A 260 -10.15 -5.83 3.85
N ALA A 261 -10.03 -6.48 2.69
CA ALA A 261 -11.20 -6.98 1.99
C ALA A 261 -11.93 -8.04 2.81
N VAL A 262 -11.19 -8.99 3.38
CA VAL A 262 -11.80 -10.03 4.21
C VAL A 262 -12.45 -9.42 5.44
N TYR A 263 -11.77 -8.47 6.08
CA TYR A 263 -12.36 -7.78 7.22
C TYR A 263 -13.67 -7.08 6.84
N CYS A 264 -13.68 -6.42 5.67
CA CYS A 264 -14.90 -5.80 5.19
C CYS A 264 -16.00 -6.83 4.97
N LEU A 265 -15.68 -7.92 4.27
CA LEU A 265 -16.69 -8.95 4.01
C LEU A 265 -17.17 -9.61 5.29
N ALA A 266 -16.31 -9.69 6.31
CA ALA A 266 -16.71 -10.26 7.59
C ALA A 266 -17.63 -9.32 8.36
N ARG A 267 -17.43 -8.00 8.23
CA ARG A 267 -18.22 -7.02 8.94
C ARG A 267 -19.50 -6.64 8.21
N PHE A 268 -19.57 -6.88 6.90
CA PHE A 268 -20.72 -6.49 6.08
C PHE A 268 -21.25 -7.74 5.39
N PRO A 269 -21.98 -8.60 6.11
CA PRO A 269 -22.45 -9.85 5.48
C PRO A 269 -23.35 -9.63 4.29
N GLY A 270 -24.10 -8.52 4.27
CA GLY A 270 -24.91 -8.21 3.11
C GLY A 270 -24.09 -8.07 1.84
N GLU A 271 -22.89 -7.49 1.97
CA GLU A 271 -22.02 -7.32 0.82
C GLU A 271 -21.35 -8.62 0.40
N LEU A 272 -21.02 -9.50 1.34
CA LEU A 272 -20.53 -10.83 0.96
C LEU A 272 -21.60 -11.59 0.18
N GLN A 273 -22.86 -11.42 0.55
CA GLN A 273 -23.93 -12.10 -0.17
CA GLN A 273 -23.92 -12.11 -0.17
C GLN A 273 -24.11 -11.52 -1.57
N ARG A 274 -23.94 -10.21 -1.72
CA ARG A 274 -24.02 -9.65 -3.07
C ARG A 274 -22.85 -10.14 -3.92
N LEU A 275 -21.66 -10.24 -3.33
CA LEU A 275 -20.51 -10.76 -4.04
C LEU A 275 -20.72 -12.22 -4.45
N ARG A 276 -21.24 -13.04 -3.52
CA ARG A 276 -21.58 -14.42 -3.86
C ARG A 276 -22.52 -14.50 -5.06
N SER A 277 -23.52 -13.61 -5.10
CA SER A 277 -24.52 -13.68 -6.16
C SER A 277 -23.95 -13.24 -7.51
N ASP A 278 -22.87 -12.48 -7.51
CA ASP A 278 -22.22 -12.08 -8.77
C ASP A 278 -20.72 -12.00 -8.54
N PRO A 279 -20.02 -13.14 -8.66
CA PRO A 279 -18.57 -13.13 -8.46
C PRO A 279 -17.81 -12.20 -9.39
N THR A 280 -18.41 -11.69 -10.47
CA THR A 280 -17.68 -10.74 -11.27
C THR A 280 -17.56 -9.37 -10.60
N LEU A 281 -18.20 -9.19 -9.45
CA LEU A 281 -17.97 -8.03 -8.60
C LEU A 281 -16.68 -8.13 -7.79
N ALA A 282 -15.93 -9.23 -7.93
CA ALA A 282 -14.73 -9.43 -7.11
C ALA A 282 -13.75 -8.27 -7.23
N ARG A 283 -13.48 -7.86 -8.47
CA ARG A 283 -12.47 -6.81 -8.68
C ARG A 283 -12.89 -5.50 -8.03
N ASN A 284 -14.15 -5.09 -8.23
CA ASN A 284 -14.60 -3.85 -7.60
C ASN A 284 -14.77 -4.00 -6.09
N ALA A 285 -15.14 -5.19 -5.61
CA ALA A 285 -15.19 -5.42 -4.17
C ALA A 285 -13.82 -5.21 -3.54
N PHE A 286 -12.76 -5.62 -4.24
CA PHE A 286 -11.41 -5.38 -3.72
C PHE A 286 -11.06 -3.89 -3.81
N GLU A 287 -11.41 -3.26 -4.93
CA GLU A 287 -11.13 -1.83 -5.07
C GLU A 287 -11.81 -1.02 -3.98
N GLU A 288 -13.06 -1.37 -3.66
CA GLU A 288 -13.77 -0.66 -2.60
C GLU A 288 -13.10 -0.89 -1.25
N ALA A 289 -12.57 -2.10 -1.03
CA ALA A 289 -11.84 -2.36 0.22
C ALA A 289 -10.60 -1.48 0.31
N VAL A 290 -9.92 -1.26 -0.81
CA VAL A 290 -8.76 -0.37 -0.81
C VAL A 290 -9.18 1.06 -0.45
N ARG A 291 -10.30 1.53 -1.01
CA ARG A 291 -10.79 2.85 -0.61
C ARG A 291 -11.19 2.86 0.86
N PHE A 292 -11.96 1.85 1.28
CA PHE A 292 -12.60 1.86 2.59
C PHE A 292 -11.58 1.79 3.73
N GLU A 293 -10.56 0.95 3.59
CA GLU A 293 -9.54 0.80 4.62
C GLU A 293 -8.27 1.58 4.33
N SER A 294 -7.97 1.82 3.06
CA SER A 294 -6.76 2.51 2.60
C SER A 294 -5.53 1.93 3.28
N PRO A 295 -5.10 0.73 2.85
CA PRO A 295 -3.95 0.07 3.49
C PRO A 295 -2.73 0.95 3.59
N VAL A 296 -2.47 1.78 2.60
CA VAL A 296 -1.43 2.79 2.66
C VAL A 296 -2.12 4.09 3.06
N GLN A 297 -1.90 4.50 4.30
CA GLN A 297 -2.68 5.58 4.90
C GLN A 297 -2.18 6.96 4.49
N THR A 298 -0.87 7.11 4.35
CA THR A 298 -0.24 8.43 4.30
C THR A 298 1.02 8.38 3.45
N PHE A 299 1.29 9.49 2.78
CA PHE A 299 2.62 9.78 2.25
C PHE A 299 2.86 11.27 2.41
N PHE A 300 4.12 11.67 2.40
CA PHE A 300 4.50 13.06 2.46
C PHE A 300 4.93 13.56 1.08
N ARG A 301 4.91 14.89 0.93
CA ARG A 301 5.66 15.59 -0.11
C ARG A 301 6.43 16.72 0.56
N THR A 302 7.36 17.30 -0.20
CA THR A 302 8.14 18.45 0.27
C THR A 302 7.99 19.59 -0.73
N THR A 303 7.64 20.78 -0.23
CA THR A 303 7.46 21.92 -1.12
C THR A 303 8.80 22.38 -1.68
N THR A 304 8.81 22.66 -2.98
CA THR A 304 10.00 23.15 -3.67
C THR A 304 10.04 24.66 -3.76
N ARG A 305 8.97 25.32 -3.32
CA ARG A 305 8.81 26.77 -3.42
C ARG A 305 7.67 27.16 -2.50
N GLU A 306 7.57 28.47 -2.22
CA GLU A 306 6.39 28.98 -1.55
C GLU A 306 5.17 28.71 -2.43
N VAL A 307 4.06 28.33 -1.80
CA VAL A 307 2.88 27.92 -2.55
C VAL A 307 1.64 28.20 -1.71
N GLU A 308 0.59 28.69 -2.39
CA GLU A 308 -0.72 28.83 -1.77
C GLU A 308 -1.49 27.54 -1.95
N LEU A 309 -2.03 27.01 -0.86
CA LEU A 309 -2.85 25.80 -0.90
C LEU A 309 -4.03 26.00 0.05
N GLY A 310 -5.23 26.07 -0.51
CA GLY A 310 -6.44 26.28 0.27
C GLY A 310 -6.33 27.44 1.24
N GLY A 311 -5.91 28.60 0.75
CA GLY A 311 -5.76 29.78 1.58
C GLY A 311 -4.52 29.82 2.45
N ALA A 312 -3.77 28.73 2.53
CA ALA A 312 -2.51 28.68 3.25
C ALA A 312 -1.36 29.01 2.31
N VAL A 313 -0.44 29.84 2.78
CA VAL A 313 0.81 30.07 2.05
C VAL A 313 1.90 29.31 2.79
N ILE A 314 2.30 28.19 2.22
CA ILE A 314 3.28 27.28 2.79
C ILE A 314 4.64 27.64 2.22
N GLY A 315 5.64 27.76 3.09
CA GLY A 315 6.96 28.12 2.65
C GLY A 315 7.65 27.00 1.89
N GLU A 316 8.83 27.31 1.35
CA GLU A 316 9.64 26.33 0.67
C GLU A 316 10.26 25.36 1.68
N GLY A 317 10.51 24.14 1.21
CA GLY A 317 11.18 23.16 2.04
C GLY A 317 10.35 22.67 3.22
N GLU A 318 9.03 22.68 3.09
CA GLU A 318 8.14 22.23 4.15
C GLU A 318 7.58 20.86 3.80
N LYS A 319 7.44 20.01 4.82
CA LYS A 319 6.83 18.71 4.62
C LYS A 319 5.32 18.83 4.69
N VAL A 320 4.64 18.16 3.77
CA VAL A 320 3.19 18.14 3.66
C VAL A 320 2.73 16.69 3.75
N LEU A 321 1.92 16.39 4.76
CA LEU A 321 1.43 15.04 4.99
C LEU A 321 0.06 14.90 4.34
N MET A 322 -0.07 13.95 3.41
CA MET A 322 -1.34 13.66 2.75
C MET A 322 -2.00 12.46 3.42
N PHE A 323 -3.23 12.65 3.89
CA PHE A 323 -3.99 11.57 4.53
C PHE A 323 -4.85 10.91 3.46
N LEU A 324 -4.26 9.92 2.77
CA LEU A 324 -4.98 9.22 1.71
C LEU A 324 -6.25 8.56 2.22
N GLY A 325 -6.19 7.94 3.41
CA GLY A 325 -7.36 7.27 3.94
C GLY A 325 -8.48 8.24 4.27
N SER A 326 -8.13 9.42 4.79
CA SER A 326 -9.12 10.46 5.06
C SER A 326 -9.74 10.99 3.77
N ALA A 327 -8.90 11.21 2.75
CA ALA A 327 -9.42 11.64 1.46
C ALA A 327 -10.42 10.63 0.91
N ASN A 328 -10.18 9.34 1.14
CA ASN A 328 -11.07 8.29 0.65
C ASN A 328 -12.33 8.16 1.47
N ARG A 329 -12.45 8.90 2.57
CA ARG A 329 -13.64 8.90 3.41
C ARG A 329 -14.25 10.28 3.55
N ASP A 330 -13.82 11.23 2.74
CA ASP A 330 -14.32 12.60 2.81
C ASP A 330 -15.74 12.68 2.28
N PRO A 331 -16.73 13.04 3.09
CA PRO A 331 -18.11 13.15 2.57
C PRO A 331 -18.28 14.30 1.59
N ARG A 332 -17.32 15.23 1.50
CA ARG A 332 -17.34 16.22 0.43
C ARG A 332 -17.27 15.58 -0.94
N ARG A 333 -16.73 14.37 -1.03
CA ARG A 333 -16.54 13.66 -2.29
C ARG A 333 -17.35 12.38 -2.38
N TRP A 334 -17.48 11.65 -1.28
CA TRP A 334 -18.08 10.32 -1.29
C TRP A 334 -19.45 10.36 -0.62
N SER A 335 -20.45 9.79 -1.30
CA SER A 335 -21.72 9.53 -0.66
C SER A 335 -21.55 8.36 0.28
N ASP A 336 -21.96 8.53 1.54
CA ASP A 336 -21.94 7.46 2.53
C ASP A 336 -20.53 6.86 2.64
N PRO A 337 -19.53 7.68 2.99
CA PRO A 337 -18.14 7.20 2.88
C PRO A 337 -17.79 6.09 3.86
N ASP A 338 -18.52 5.96 4.98
CA ASP A 338 -18.22 4.94 5.97
C ASP A 338 -18.96 3.64 5.72
N LEU A 339 -19.51 3.47 4.52
CA LEU A 339 -20.18 2.24 4.11
C LEU A 339 -19.35 1.51 3.07
N TYR A 340 -19.18 0.21 3.28
CA TYR A 340 -18.54 -0.66 2.31
C TYR A 340 -19.58 -1.06 1.27
N ASP A 341 -19.37 -0.65 0.02
CA ASP A 341 -20.35 -0.83 -1.05
C ASP A 341 -19.61 -1.36 -2.28
N ILE A 342 -19.79 -2.64 -2.57
CA ILE A 342 -19.03 -3.28 -3.63
C ILE A 342 -19.49 -2.90 -5.03
N THR A 343 -20.61 -2.20 -5.18
CA THR A 343 -20.99 -1.64 -6.48
C THR A 343 -20.76 -0.14 -6.55
N ARG A 344 -20.07 0.44 -5.57
CA ARG A 344 -19.71 1.86 -5.62
C ARG A 344 -18.83 2.14 -6.83
N LYS A 345 -19.06 3.30 -7.45
CA LYS A 345 -18.13 3.81 -8.46
C LYS A 345 -16.91 4.35 -7.72
N THR A 346 -15.84 3.55 -7.67
CA THR A 346 -14.66 3.90 -6.87
C THR A 346 -13.66 4.75 -7.61
N SER A 347 -13.81 4.96 -8.93
CA SER A 347 -12.79 5.68 -9.68
C SER A 347 -12.57 7.06 -9.08
N GLY A 348 -11.29 7.42 -8.93
CA GLY A 348 -10.92 8.65 -8.29
C GLY A 348 -10.45 8.51 -6.86
N HIS A 349 -10.64 7.35 -6.23
CA HIS A 349 -10.06 7.15 -4.90
C HIS A 349 -8.55 7.21 -5.00
N VAL A 350 -7.91 7.61 -3.89
CA VAL A 350 -6.47 7.84 -3.88
C VAL A 350 -5.73 6.77 -3.09
N GLY A 351 -6.33 5.59 -2.89
CA GLY A 351 -5.66 4.52 -2.19
C GLY A 351 -4.43 3.97 -2.90
N PHE A 352 -4.36 4.13 -4.23
CA PHE A 352 -3.18 3.81 -5.02
C PHE A 352 -2.40 5.07 -5.40
N GLY A 353 -2.72 6.21 -4.81
CA GLY A 353 -2.13 7.45 -5.24
C GLY A 353 -2.86 8.05 -6.43
N SER A 354 -2.20 9.00 -7.07
CA SER A 354 -2.77 9.72 -8.20
C SER A 354 -1.67 10.50 -8.89
N GLY A 355 -1.72 10.55 -10.22
CA GLY A 355 -0.71 11.29 -10.95
C GLY A 355 0.52 10.49 -11.31
N VAL A 356 1.68 11.15 -11.37
CA VAL A 356 2.83 10.50 -11.99
C VAL A 356 3.36 9.35 -11.15
N HIS A 357 3.09 9.30 -9.85
CA HIS A 357 3.57 8.22 -9.00
C HIS A 357 2.50 7.19 -8.69
N MET A 358 1.32 7.30 -9.31
CA MET A 358 0.23 6.36 -9.02
C MET A 358 0.71 4.93 -9.15
N CYS A 359 0.34 4.11 -8.16
CA CYS A 359 0.89 2.77 -7.96
C CYS A 359 1.22 2.03 -9.25
N VAL A 360 2.51 1.85 -9.53
CA VAL A 360 2.89 1.16 -10.75
C VAL A 360 2.62 -0.33 -10.67
N GLY A 361 2.40 -0.87 -9.47
CA GLY A 361 2.06 -2.27 -9.31
C GLY A 361 0.58 -2.54 -9.15
N GLN A 362 -0.26 -1.57 -9.55
CA GLN A 362 -1.68 -1.69 -9.25
C GLN A 362 -2.33 -2.88 -9.94
N LEU A 363 -1.80 -3.32 -11.09
CA LEU A 363 -2.39 -4.48 -11.75
C LEU A 363 -2.07 -5.78 -10.99
N VAL A 364 -0.89 -5.87 -10.39
CA VAL A 364 -0.57 -7.02 -9.56
C VAL A 364 -1.45 -7.04 -8.31
N ALA A 365 -1.58 -5.89 -7.65
CA ALA A 365 -2.43 -5.80 -6.46
C ALA A 365 -3.87 -6.19 -6.79
N ARG A 366 -4.42 -5.62 -7.85
CA ARG A 366 -5.80 -5.92 -8.23
C ARG A 366 -5.97 -7.37 -8.65
N LEU A 367 -4.97 -7.95 -9.32
CA LEU A 367 -5.07 -9.34 -9.73
C LEU A 367 -5.18 -10.24 -8.51
N GLU A 368 -4.28 -10.06 -7.54
CA GLU A 368 -4.31 -10.84 -6.30
C GLU A 368 -5.64 -10.67 -5.58
N GLY A 369 -6.08 -9.43 -5.44
CA GLY A 369 -7.32 -9.17 -4.72
C GLY A 369 -8.54 -9.75 -5.44
N GLU A 370 -8.58 -9.60 -6.76
CA GLU A 370 -9.71 -10.11 -7.54
C GLU A 370 -9.82 -11.62 -7.41
N VAL A 371 -8.71 -12.34 -7.61
CA VAL A 371 -8.81 -13.80 -7.68
C VAL A 371 -9.06 -14.39 -6.30
N MET A 372 -8.59 -13.71 -5.23
CA MET A 372 -8.93 -14.18 -3.89
C MET A 372 -10.40 -13.93 -3.58
N LEU A 373 -10.90 -12.75 -3.91
CA LEU A 373 -12.31 -12.46 -3.65
C LEU A 373 -13.21 -13.30 -4.55
N SER A 374 -12.76 -13.61 -5.77
CA SER A 374 -13.50 -14.54 -6.62
C SER A 374 -13.60 -15.91 -5.97
N ALA A 375 -12.50 -16.42 -5.42
CA ALA A 375 -12.52 -17.72 -4.77
C ALA A 375 -13.47 -17.72 -3.59
N LEU A 376 -13.41 -16.68 -2.75
CA LEU A 376 -14.33 -16.55 -1.63
C LEU A 376 -15.77 -16.51 -2.13
N ALA A 377 -16.03 -15.73 -3.18
CA ALA A 377 -17.39 -15.58 -3.68
C ALA A 377 -17.97 -16.90 -4.15
N ARG A 378 -17.15 -17.75 -4.75
CA ARG A 378 -17.66 -19.02 -5.28
C ARG A 378 -17.70 -20.13 -4.25
N LYS A 379 -16.90 -20.04 -3.18
CA LYS A 379 -16.70 -21.17 -2.28
C LYS A 379 -17.22 -20.97 -0.87
N VAL A 380 -17.45 -19.73 -0.43
CA VAL A 380 -17.72 -19.44 0.98
C VAL A 380 -19.12 -18.85 1.10
N ALA A 381 -19.89 -19.35 2.06
CA ALA A 381 -21.23 -18.84 2.33
C ALA A 381 -21.26 -17.81 3.45
N ALA A 382 -20.36 -17.91 4.42
CA ALA A 382 -20.33 -16.97 5.53
C ALA A 382 -18.91 -16.84 6.06
N ILE A 383 -18.61 -15.64 6.57
CA ILE A 383 -17.34 -15.33 7.23
C ILE A 383 -17.69 -14.70 8.56
N ASP A 384 -17.44 -15.42 9.66
CA ASP A 384 -17.83 -14.95 10.98
C ASP A 384 -16.58 -14.78 11.84
N ILE A 385 -16.42 -13.59 12.41
CA ILE A 385 -15.36 -13.37 13.38
C ILE A 385 -15.64 -14.23 14.60
N ASP A 386 -14.65 -15.00 15.03
CA ASP A 386 -14.87 -15.95 16.13
C ASP A 386 -13.65 -16.01 17.04
N GLY A 387 -12.99 -14.88 17.22
CA GLY A 387 -11.87 -14.77 18.12
C GLY A 387 -11.44 -13.32 18.25
N PRO A 388 -10.53 -13.05 19.19
CA PRO A 388 -10.09 -11.66 19.40
C PRO A 388 -9.39 -11.10 18.16
N VAL A 389 -9.83 -9.92 17.73
CA VAL A 389 -9.20 -9.22 16.62
C VAL A 389 -8.07 -8.36 17.16
N LYS A 390 -6.92 -8.41 16.51
CA LYS A 390 -5.75 -7.65 16.92
C LYS A 390 -5.28 -6.76 15.78
N ARG A 391 -5.03 -5.49 16.08
CA ARG A 391 -4.58 -4.54 15.07
C ARG A 391 -3.06 -4.55 15.00
N ARG A 392 -2.54 -4.37 13.80
CA ARG A 392 -1.10 -4.28 13.55
C ARG A 392 -0.74 -2.81 13.37
N PHE A 393 0.19 -2.32 14.19
CA PHE A 393 0.54 -0.91 14.19
C PHE A 393 1.76 -0.67 13.32
N ASN A 394 1.67 0.33 12.44
CA ASN A 394 2.70 0.66 11.47
C ASN A 394 2.52 2.13 11.10
N ASN A 395 3.63 2.83 10.93
CA ASN A 395 3.56 4.27 10.69
C ASN A 395 2.89 4.63 9.37
N THR A 396 2.83 3.70 8.42
CA THR A 396 2.24 3.97 7.12
C THR A 396 1.10 3.03 6.75
N LEU A 397 1.14 1.77 7.18
CA LEU A 397 0.17 0.76 6.79
C LEU A 397 -0.91 0.62 7.86
N ARG A 398 -2.16 0.47 7.40
CA ARG A 398 -3.29 0.15 8.27
C ARG A 398 -3.72 -1.28 8.00
N GLY A 399 -3.92 -2.05 9.05
CA GLY A 399 -4.30 -3.44 8.89
C GLY A 399 -4.24 -4.17 10.20
N LEU A 400 -4.55 -5.47 10.12
CA LEU A 400 -4.75 -6.28 11.30
C LEU A 400 -3.60 -7.26 11.48
N GLU A 401 -3.31 -7.55 12.75
CA GLU A 401 -2.32 -8.55 13.11
C GLU A 401 -2.94 -9.94 13.18
N SER A 402 -4.19 -10.03 13.64
CA SER A 402 -4.87 -11.31 13.76
C SER A 402 -6.35 -11.10 13.53
N LEU A 403 -6.95 -11.93 12.67
CA LEU A 403 -8.37 -11.88 12.36
C LEU A 403 -8.94 -13.28 12.39
N PRO A 404 -9.28 -13.79 13.57
CA PRO A 404 -9.84 -15.15 13.66
C PRO A 404 -11.24 -15.19 13.09
N VAL A 405 -11.44 -16.06 12.10
CA VAL A 405 -12.75 -16.21 11.46
C VAL A 405 -13.05 -17.69 11.31
N LYS A 406 -14.35 -18.01 11.26
CA LYS A 406 -14.81 -19.32 10.83
C LYS A 406 -15.43 -19.17 9.45
N LEU A 407 -15.00 -19.99 8.51
CA LEU A 407 -15.50 -19.98 7.14
C LEU A 407 -16.54 -21.08 6.98
N THR A 408 -17.73 -20.70 6.53
CA THR A 408 -18.78 -21.66 6.23
C THR A 408 -18.78 -21.94 4.73
N PRO A 409 -18.66 -23.19 4.31
CA PRO A 409 -18.63 -23.48 2.87
C PRO A 409 -19.99 -23.24 2.23
N ALA A 410 -19.95 -22.77 0.99
CA ALA A 410 -21.16 -22.61 0.20
C ALA A 410 -21.72 -23.99 -0.13
#